data_1QUT
#
_entry.id   1QUT
#
_cell.length_a   58.330
_cell.length_b   67.848
_cell.length_c   98.629
_cell.angle_alpha   90.00
_cell.angle_beta   90.00
_cell.angle_gamma   90.00
#
_symmetry.space_group_name_H-M   'P 21 21 21'
#
loop_
_entity.id
_entity.type
_entity.pdbx_description
1 polymer 'LYTIC MUREIN TRANSGLYCOSYLASE B'
2 non-polymer 2-acetamido-2-deoxy-beta-D-glucopyranose
3 non-polymer 'SODIUM ION'
4 water water
#
_entity_poly.entity_id   1
_entity_poly.type   'polypeptide(L)'
_entity_poly.pdbx_seq_one_letter_code
;MVEPQHNVMQMGGDFANNPNAQQFIDKMVNKHGFDRQQLQEILSQAKRLDSVLRLMDNQAPTTSVKPPSGPNGAWLRYRK
KFITPDNVQNGVVFWNQYEDALNRAWQVYGVPPEIIVGIIGVETRWGRVMGKTRILDALATLSFNYPRRAEYFSGELETF
LLMARDEQDDPLNLKGSFAGAMGYGQFMPSSYKQYAVDFSGDGHINLWDPVDAIGSVANYFKAHGWVKGDQVAVMANGQA
PGLPNGFKTKYSISQLAAAGLTPQQPLGNHQQASLLRLDVGTGYQYWYGLPNFYTITRYNHSTHYAMAVWQLGQAVALAR
VQ
;
_entity_poly.pdbx_strand_id   A
#
# COMPACT_ATOMS: atom_id res chain seq x y z
N MET A 1 -10.97 -5.09 44.32
CA MET A 1 -11.78 -4.66 43.13
C MET A 1 -10.88 -4.09 42.04
N VAL A 2 -10.44 -2.84 42.21
CA VAL A 2 -9.56 -2.20 41.25
C VAL A 2 -8.10 -2.44 41.63
N GLU A 3 -7.29 -2.74 40.62
CA GLU A 3 -5.86 -3.02 40.80
C GLU A 3 -5.02 -2.01 40.05
N PRO A 4 -4.59 -0.93 40.72
CA PRO A 4 -3.78 0.09 40.05
C PRO A 4 -2.41 -0.42 39.62
N GLN A 5 -1.83 -1.29 40.43
CA GLN A 5 -0.52 -1.89 40.16
C GLN A 5 0.56 -0.88 39.82
N HIS A 6 0.59 0.23 40.56
CA HIS A 6 1.59 1.27 40.34
C HIS A 6 3.01 0.70 40.41
N ASN A 7 3.25 -0.18 41.37
CA ASN A 7 4.56 -0.80 41.61
C ASN A 7 5.08 -1.76 40.50
N VAL A 8 4.24 -2.04 39.51
CA VAL A 8 4.65 -2.91 38.40
C VAL A 8 5.15 -1.99 37.27
N MET A 9 6.40 -1.59 37.40
CA MET A 9 7.05 -0.68 36.43
C MET A 9 7.88 -1.40 35.39
N GLN A 10 8.24 -2.65 35.65
CA GLN A 10 9.06 -3.41 34.72
C GLN A 10 8.33 -4.61 34.14
N MET A 11 8.22 -4.60 32.81
CA MET A 11 7.54 -5.65 32.06
C MET A 11 8.47 -6.75 31.56
N GLY A 12 7.90 -7.91 31.24
CA GLY A 12 8.68 -9.02 30.74
C GLY A 12 8.59 -9.12 29.24
N GLY A 13 8.87 -10.31 28.69
CA GLY A 13 8.81 -10.52 27.25
C GLY A 13 10.07 -10.20 26.47
N ASP A 14 9.91 -10.02 25.16
CA ASP A 14 11.03 -9.73 24.26
C ASP A 14 11.59 -8.32 24.33
N PHE A 15 10.84 -7.39 24.90
CA PHE A 15 11.29 -6.01 25.00
C PHE A 15 11.48 -5.57 26.46
N ALA A 16 11.62 -6.55 27.35
CA ALA A 16 11.80 -6.34 28.79
C ALA A 16 12.85 -5.30 29.23
N ASN A 17 14.02 -5.32 28.61
CA ASN A 17 15.08 -4.36 28.98
C ASN A 17 15.38 -3.42 27.82
N ASN A 18 14.35 -3.17 27.01
CA ASN A 18 14.50 -2.32 25.85
C ASN A 18 14.22 -0.85 26.17
N PRO A 19 15.24 0.00 26.01
CA PRO A 19 15.16 1.44 26.28
C PRO A 19 14.12 2.15 25.40
N ASN A 20 14.06 1.74 24.14
CA ASN A 20 13.12 2.31 23.18
C ASN A 20 11.66 2.06 23.56
N ALA A 21 11.37 0.87 24.10
CA ALA A 21 10.02 0.51 24.53
C ALA A 21 9.58 1.34 25.72
N GLN A 22 10.50 1.56 26.67
CA GLN A 22 10.21 2.36 27.86
C GLN A 22 9.91 3.79 27.49
N GLN A 23 10.61 4.31 26.48
CA GLN A 23 10.41 5.67 25.99
C GLN A 23 9.02 5.74 25.35
N PHE A 24 8.71 4.75 24.52
CA PHE A 24 7.43 4.66 23.83
C PHE A 24 6.25 4.64 24.82
N ILE A 25 6.37 3.80 25.85
CA ILE A 25 5.35 3.66 26.87
C ILE A 25 5.10 5.00 27.55
N ASP A 26 6.17 5.74 27.80
CA ASP A 26 6.07 7.05 28.43
C ASP A 26 5.33 8.07 27.55
N LYS A 27 5.62 8.07 26.26
CA LYS A 27 4.98 8.96 25.30
C LYS A 27 3.47 8.71 25.20
N MET A 28 3.08 7.43 25.18
CA MET A 28 1.67 7.05 25.07
C MET A 28 0.86 7.44 26.30
N VAL A 29 1.49 7.34 27.47
CA VAL A 29 0.85 7.69 28.72
C VAL A 29 0.70 9.20 28.78
N ASN A 30 1.82 9.90 28.62
CA ASN A 30 1.86 11.36 28.65
C ASN A 30 1.03 12.05 27.56
N LYS A 31 1.31 11.71 26.31
CA LYS A 31 0.62 12.30 25.16
C LYS A 31 -0.81 11.82 24.89
N HIS A 32 -1.11 10.56 25.20
CA HIS A 32 -2.45 10.03 24.90
C HIS A 32 -3.31 9.52 26.04
N GLY A 33 -2.76 9.53 27.26
CA GLY A 33 -3.53 9.06 28.39
C GLY A 33 -3.65 7.55 28.52
N PHE A 34 -2.67 6.82 27.98
CA PHE A 34 -2.68 5.38 28.09
C PHE A 34 -2.27 5.06 29.52
N ASP A 35 -2.65 3.88 30.00
CA ASP A 35 -2.30 3.44 31.34
C ASP A 35 -1.02 2.63 31.18
N ARG A 36 0.05 3.07 31.84
CA ARG A 36 1.33 2.37 31.76
C ARG A 36 1.26 0.86 31.97
N GLN A 37 0.56 0.43 33.02
CA GLN A 37 0.43 -0.99 33.32
C GLN A 37 -0.26 -1.81 32.23
N GLN A 38 -1.38 -1.27 31.71
CA GLN A 38 -2.13 -1.95 30.64
C GLN A 38 -1.27 -2.08 29.39
N LEU A 39 -0.55 -1.00 29.08
CA LEU A 39 0.32 -0.97 27.91
C LEU A 39 1.45 -1.98 28.06
N GLN A 40 2.01 -2.08 29.26
CA GLN A 40 3.10 -3.02 29.55
C GLN A 40 2.63 -4.46 29.37
N GLU A 41 1.38 -4.72 29.76
CA GLU A 41 0.82 -6.05 29.64
C GLU A 41 0.69 -6.41 28.16
N ILE A 42 0.45 -5.41 27.32
CA ILE A 42 0.32 -5.63 25.89
C ILE A 42 1.70 -5.86 25.28
N LEU A 43 2.59 -4.89 25.46
CA LEU A 43 3.95 -4.97 24.93
C LEU A 43 4.79 -6.11 25.49
N SER A 44 4.41 -6.64 26.65
CA SER A 44 5.13 -7.75 27.24
C SER A 44 4.79 -9.01 26.45
N GLN A 45 3.66 -8.97 25.74
CA GLN A 45 3.20 -10.07 24.90
C GLN A 45 3.74 -9.93 23.47
N ALA A 46 4.25 -8.75 23.12
CA ALA A 46 4.77 -8.50 21.78
C ALA A 46 6.05 -9.29 21.55
N LYS A 47 6.20 -9.80 20.33
CA LYS A 47 7.37 -10.60 19.99
C LYS A 47 8.36 -9.86 19.09
N ARG A 48 9.64 -10.15 19.30
CA ARG A 48 10.69 -9.55 18.51
C ARG A 48 10.96 -10.55 17.39
N LEU A 49 10.48 -10.23 16.19
CA LEU A 49 10.61 -11.11 15.04
C LEU A 49 11.83 -10.84 14.17
N ASP A 50 12.79 -11.76 14.21
CA ASP A 50 14.01 -11.64 13.42
C ASP A 50 13.71 -11.60 11.92
N SER A 51 12.63 -12.26 11.51
CA SER A 51 12.24 -12.29 10.10
C SER A 51 11.86 -10.90 9.61
N VAL A 52 11.20 -10.12 10.47
CA VAL A 52 10.80 -8.76 10.11
C VAL A 52 12.03 -7.87 9.96
N LEU A 53 13.03 -8.06 10.82
CA LEU A 53 14.27 -7.27 10.77
C LEU A 53 15.09 -7.66 9.55
N ARG A 54 15.08 -8.95 9.20
CA ARG A 54 15.82 -9.44 8.05
C ARG A 54 15.16 -8.99 6.75
N LEU A 55 13.84 -8.97 6.71
CA LEU A 55 13.11 -8.55 5.53
C LEU A 55 13.24 -7.05 5.23
N MET A 56 13.31 -6.25 6.29
CA MET A 56 13.43 -4.80 6.12
C MET A 56 14.86 -4.41 5.68
N ASP A 57 15.80 -5.33 5.92
CA ASP A 57 17.19 -5.11 5.53
C ASP A 57 17.36 -5.53 4.08
N ASN A 58 16.69 -6.61 3.68
CA ASN A 58 16.76 -7.13 2.30
C ASN A 58 16.19 -6.15 1.27
N GLN A 59 15.57 -5.08 1.75
CA GLN A 59 14.99 -4.06 0.87
C GLN A 59 15.40 -2.64 1.30
N GLY A 70 20.65 -8.11 -19.25
CA GLY A 70 19.49 -7.23 -19.55
C GLY A 70 19.57 -6.71 -20.97
N PRO A 71 18.48 -6.76 -21.76
CA PRO A 71 17.15 -7.28 -21.39
C PRO A 71 17.08 -8.78 -21.07
N ASN A 72 16.81 -9.08 -19.80
CA ASN A 72 16.70 -10.48 -19.34
C ASN A 72 15.26 -10.94 -19.11
N GLY A 73 14.30 -10.05 -19.36
CA GLY A 73 12.89 -10.38 -19.18
C GLY A 73 12.30 -10.00 -17.82
N ALA A 74 12.93 -9.05 -17.15
CA ALA A 74 12.52 -8.58 -15.82
C ALA A 74 11.02 -8.37 -15.66
N TRP A 75 10.46 -7.46 -16.46
CA TRP A 75 9.03 -7.14 -16.41
C TRP A 75 8.14 -8.37 -16.54
N LEU A 76 8.44 -9.24 -17.51
CA LEU A 76 7.63 -10.44 -17.72
C LEU A 76 7.53 -11.33 -16.48
N ARG A 77 8.65 -11.52 -15.77
CA ARG A 77 8.67 -12.34 -14.57
C ARG A 77 7.82 -11.74 -13.44
N TYR A 78 7.79 -10.41 -13.38
CA TYR A 78 7.03 -9.69 -12.36
C TYR A 78 5.54 -9.72 -12.72
N ARG A 79 5.26 -9.44 -14.00
CA ARG A 79 3.92 -9.40 -14.56
C ARG A 79 3.15 -10.70 -14.37
N LYS A 80 3.78 -11.83 -14.70
CA LYS A 80 3.12 -13.14 -14.60
C LYS A 80 2.92 -13.63 -13.17
N LYS A 81 3.36 -12.84 -12.20
CA LYS A 81 3.16 -13.18 -10.79
C LYS A 81 1.75 -12.74 -10.40
N PHE A 82 1.20 -11.80 -11.16
CA PHE A 82 -0.14 -11.26 -10.89
C PHE A 82 -1.16 -11.46 -12.01
N ILE A 83 -0.72 -11.26 -13.25
CA ILE A 83 -1.62 -11.40 -14.39
C ILE A 83 -1.64 -12.82 -14.94
N THR A 84 -2.53 -13.63 -14.37
CA THR A 84 -2.70 -15.03 -14.75
C THR A 84 -4.20 -15.32 -14.87
N PRO A 85 -4.59 -16.39 -15.58
CA PRO A 85 -6.01 -16.69 -15.71
C PRO A 85 -6.71 -16.75 -14.35
N ASP A 86 -6.15 -17.53 -13.44
CA ASP A 86 -6.71 -17.68 -12.10
C ASP A 86 -6.92 -16.36 -11.37
N ASN A 87 -5.97 -15.44 -11.48
CA ASN A 87 -6.07 -14.13 -10.84
C ASN A 87 -7.09 -13.21 -11.50
N VAL A 88 -7.09 -13.19 -12.83
CA VAL A 88 -8.01 -12.36 -13.60
C VAL A 88 -9.47 -12.82 -13.41
N GLN A 89 -9.65 -14.12 -13.23
CA GLN A 89 -10.97 -14.69 -13.03
C GLN A 89 -11.51 -14.36 -11.66
N ASN A 90 -10.64 -14.35 -10.65
CA ASN A 90 -11.06 -14.00 -9.29
C ASN A 90 -11.32 -12.52 -9.20
N GLY A 91 -10.63 -11.75 -10.03
CA GLY A 91 -10.80 -10.32 -10.04
C GLY A 91 -12.17 -9.98 -10.59
N VAL A 92 -12.64 -10.79 -11.54
CA VAL A 92 -13.95 -10.57 -12.14
C VAL A 92 -15.00 -10.78 -11.06
N VAL A 93 -14.84 -11.87 -10.31
CA VAL A 93 -15.78 -12.22 -9.25
C VAL A 93 -15.86 -11.13 -8.18
N PHE A 94 -14.70 -10.63 -7.76
CA PHE A 94 -14.65 -9.58 -6.74
C PHE A 94 -15.28 -8.31 -7.28
N TRP A 95 -15.02 -8.00 -8.54
CA TRP A 95 -15.58 -6.82 -9.17
C TRP A 95 -17.11 -6.88 -9.21
N ASN A 96 -17.66 -7.99 -9.72
CA ASN A 96 -19.12 -8.13 -9.82
C ASN A 96 -19.79 -8.22 -8.46
N GLN A 97 -19.08 -8.78 -7.49
CA GLN A 97 -19.61 -8.91 -6.15
C GLN A 97 -19.71 -7.55 -5.50
N TYR A 98 -18.67 -6.74 -5.66
CA TYR A 98 -18.65 -5.41 -5.05
C TYR A 98 -18.83 -4.26 -6.02
N GLU A 99 -19.62 -4.51 -7.06
CA GLU A 99 -19.90 -3.53 -8.10
C GLU A 99 -20.57 -2.24 -7.62
N ASP A 100 -21.41 -2.32 -6.60
CA ASP A 100 -22.09 -1.14 -6.08
C ASP A 100 -21.08 -0.22 -5.41
N ALA A 101 -20.22 -0.80 -4.58
CA ALA A 101 -19.20 -0.04 -3.87
C ALA A 101 -18.19 0.56 -4.85
N LEU A 102 -17.87 -0.21 -5.89
CA LEU A 102 -16.92 0.24 -6.91
C LEU A 102 -17.48 1.42 -7.73
N ASN A 103 -18.74 1.33 -8.13
CA ASN A 103 -19.40 2.39 -8.90
C ASN A 103 -19.61 3.65 -8.07
N ARG A 104 -19.90 3.47 -6.78
CA ARG A 104 -20.12 4.57 -5.85
C ARG A 104 -18.82 5.33 -5.56
N ALA A 105 -17.71 4.58 -5.56
CA ALA A 105 -16.39 5.15 -5.32
C ALA A 105 -15.92 5.97 -6.54
N TRP A 106 -16.35 5.55 -7.72
CA TRP A 106 -16.01 6.24 -8.97
C TRP A 106 -16.68 7.63 -9.00
N GLN A 107 -17.95 7.66 -8.59
CA GLN A 107 -18.74 8.90 -8.56
C GLN A 107 -18.24 9.89 -7.50
N VAL A 108 -17.94 9.37 -6.31
CA VAL A 108 -17.47 10.21 -5.20
C VAL A 108 -16.01 10.63 -5.34
N TYR A 109 -15.15 9.71 -5.76
CA TYR A 109 -13.72 10.00 -5.86
C TYR A 109 -13.07 10.18 -7.23
N GLY A 110 -13.72 9.69 -8.29
CA GLY A 110 -13.17 9.81 -9.63
C GLY A 110 -12.19 8.70 -9.95
N VAL A 111 -12.05 7.78 -9.00
CA VAL A 111 -11.15 6.64 -9.18
C VAL A 111 -11.96 5.51 -9.80
N PRO A 112 -11.51 5.01 -10.96
CA PRO A 112 -12.14 3.92 -11.72
C PRO A 112 -12.02 2.53 -11.07
N PRO A 113 -13.03 1.66 -11.30
CA PRO A 113 -13.12 0.29 -10.79
C PRO A 113 -11.88 -0.58 -11.04
N GLU A 114 -11.34 -0.50 -12.24
CA GLU A 114 -10.17 -1.29 -12.58
C GLU A 114 -8.93 -0.95 -11.75
N ILE A 115 -8.82 0.30 -11.32
CA ILE A 115 -7.69 0.71 -10.49
C ILE A 115 -7.80 0.14 -9.08
N ILE A 116 -8.98 0.29 -8.47
CA ILE A 116 -9.23 -0.21 -7.14
C ILE A 116 -9.18 -1.75 -7.11
N VAL A 117 -9.63 -2.37 -8.19
CA VAL A 117 -9.61 -3.83 -8.30
C VAL A 117 -8.18 -4.30 -8.47
N GLY A 118 -7.40 -3.55 -9.24
CA GLY A 118 -6.00 -3.88 -9.47
C GLY A 118 -5.17 -3.77 -8.21
N ILE A 119 -5.43 -2.74 -7.42
CA ILE A 119 -4.71 -2.50 -6.15
C ILE A 119 -4.99 -3.62 -5.15
N ILE A 120 -6.26 -3.86 -4.90
CA ILE A 120 -6.69 -4.90 -3.96
C ILE A 120 -6.26 -6.27 -4.50
N GLY A 121 -6.17 -6.38 -5.82
CA GLY A 121 -5.75 -7.63 -6.42
C GLY A 121 -4.29 -7.94 -6.15
N VAL A 122 -3.42 -6.97 -6.42
CA VAL A 122 -1.97 -7.11 -6.22
C VAL A 122 -1.56 -7.15 -4.74
N GLU A 123 -2.29 -6.44 -3.89
CA GLU A 123 -1.98 -6.41 -2.47
C GLU A 123 -2.29 -7.69 -1.73
N THR A 124 -3.53 -8.16 -1.84
CA THR A 124 -3.95 -9.34 -1.11
C THR A 124 -4.71 -10.37 -1.93
N ARG A 125 -4.66 -10.25 -3.26
CA ARG A 125 -5.40 -11.15 -4.13
C ARG A 125 -6.87 -11.15 -3.72
N TRP A 126 -7.40 -9.98 -3.36
CA TRP A 126 -8.79 -9.80 -2.96
C TRP A 126 -9.17 -10.45 -1.61
N GLY A 127 -8.33 -10.25 -0.60
CA GLY A 127 -8.60 -10.80 0.71
C GLY A 127 -8.12 -12.22 0.93
N ARG A 128 -7.49 -12.82 -0.06
CA ARG A 128 -6.97 -14.19 0.05
C ARG A 128 -5.65 -14.23 0.78
N VAL A 129 -4.79 -13.25 0.55
CA VAL A 129 -3.49 -13.18 1.20
C VAL A 129 -3.36 -11.84 1.91
N MET A 130 -3.85 -11.77 3.14
CA MET A 130 -3.81 -10.51 3.88
C MET A 130 -2.71 -10.34 4.90
N GLY A 131 -1.97 -11.40 5.20
CA GLY A 131 -0.91 -11.30 6.18
C GLY A 131 -1.13 -12.21 7.37
N LYS A 132 -0.05 -12.80 7.87
CA LYS A 132 -0.14 -13.72 8.99
C LYS A 132 0.56 -13.23 10.26
N THR A 133 1.28 -12.10 10.16
CA THR A 133 2.02 -11.55 11.30
C THR A 133 1.20 -10.61 12.15
N ARG A 134 1.28 -10.74 13.47
CA ARG A 134 0.55 -9.82 14.32
C ARG A 134 1.15 -8.42 14.12
N ILE A 135 0.29 -7.45 13.87
CA ILE A 135 0.69 -6.07 13.65
C ILE A 135 1.52 -5.49 14.80
N LEU A 136 1.20 -5.83 16.05
CA LEU A 136 1.96 -5.33 17.18
C LEU A 136 3.38 -5.88 17.21
N ASP A 137 3.53 -7.16 16.86
CA ASP A 137 4.85 -7.77 16.83
C ASP A 137 5.72 -7.05 15.81
N ALA A 138 5.19 -6.95 14.58
CA ALA A 138 5.92 -6.29 13.50
C ALA A 138 6.33 -4.86 13.82
N LEU A 139 5.35 -4.03 14.20
CA LEU A 139 5.58 -2.63 14.53
C LEU A 139 6.42 -2.42 15.77
N ALA A 140 6.28 -3.30 16.76
CA ALA A 140 7.07 -3.17 17.99
C ALA A 140 8.52 -3.55 17.72
N THR A 141 8.72 -4.52 16.83
CA THR A 141 10.05 -5.00 16.47
C THR A 141 10.81 -3.92 15.71
N LEU A 142 10.14 -3.31 14.74
CA LEU A 142 10.74 -2.25 13.92
C LEU A 142 10.88 -0.92 14.65
N SER A 143 10.14 -0.77 15.76
CA SER A 143 10.19 0.45 16.56
C SER A 143 11.32 0.41 17.58
N PHE A 144 11.45 -0.73 18.26
CA PHE A 144 12.44 -0.89 19.33
C PHE A 144 13.74 -1.62 19.02
N ASN A 145 13.87 -2.19 17.83
CA ASN A 145 15.07 -2.93 17.48
C ASN A 145 15.50 -2.66 16.03
N TYR A 146 15.16 -1.48 15.52
CA TYR A 146 15.52 -1.12 14.16
C TYR A 146 15.72 0.40 14.06
N PRO A 147 16.89 0.88 14.51
CA PRO A 147 17.31 2.30 14.52
C PRO A 147 17.10 3.03 13.19
N ARG A 148 17.37 2.35 12.08
CA ARG A 148 17.25 2.94 10.76
C ARG A 148 15.88 3.55 10.46
N ARG A 149 14.81 2.85 10.86
CA ARG A 149 13.45 3.36 10.63
C ARG A 149 12.59 3.38 11.89
N ALA A 150 13.25 3.39 13.04
CA ALA A 150 12.60 3.39 14.35
C ALA A 150 11.63 4.52 14.57
N GLU A 151 11.96 5.72 14.09
CA GLU A 151 11.10 6.89 14.27
C GLU A 151 9.83 6.78 13.44
N TYR A 152 9.97 6.27 12.22
CA TYR A 152 8.83 6.09 11.33
C TYR A 152 7.90 5.01 11.85
N PHE A 153 8.46 3.87 12.27
CA PHE A 153 7.64 2.78 12.77
C PHE A 153 7.09 2.99 14.18
N SER A 154 7.68 3.95 14.91
CA SER A 154 7.22 4.28 16.26
C SER A 154 5.89 5.01 16.10
N GLY A 155 5.84 5.90 15.10
CA GLY A 155 4.64 6.65 14.79
C GLY A 155 3.56 5.74 14.24
N GLU A 156 3.96 4.63 13.62
CA GLU A 156 3.01 3.65 13.07
C GLU A 156 2.42 2.82 14.20
N LEU A 157 3.25 2.45 15.18
CA LEU A 157 2.79 1.67 16.33
C LEU A 157 1.89 2.56 17.18
N GLU A 158 2.25 3.83 17.28
CA GLU A 158 1.48 4.81 18.03
C GLU A 158 0.07 4.89 17.44
N THR A 159 0.00 5.14 16.13
CA THR A 159 -1.26 5.25 15.42
C THR A 159 -2.07 3.95 15.47
N PHE A 160 -1.36 2.83 15.44
CA PHE A 160 -2.00 1.51 15.48
C PHE A 160 -2.68 1.31 16.84
N LEU A 161 -1.98 1.66 17.92
CA LEU A 161 -2.51 1.53 19.26
C LEU A 161 -3.75 2.40 19.45
N LEU A 162 -3.70 3.60 18.89
CA LEU A 162 -4.80 4.54 18.95
C LEU A 162 -5.96 4.06 18.08
N MET A 163 -5.62 3.38 16.98
CA MET A 163 -6.62 2.84 16.04
C MET A 163 -7.37 1.68 16.68
N ALA A 164 -6.63 0.86 17.41
CA ALA A 164 -7.18 -0.31 18.10
C ALA A 164 -8.04 0.15 19.26
N ARG A 165 -7.79 1.37 19.73
CA ARG A 165 -8.56 1.97 20.82
C ARG A 165 -9.83 2.61 20.25
N ASP A 166 -9.70 3.30 19.12
CA ASP A 166 -10.81 3.99 18.46
C ASP A 166 -11.82 3.08 17.76
N GLU A 167 -11.38 1.91 17.31
CA GLU A 167 -12.26 0.96 16.63
C GLU A 167 -12.58 -0.22 17.56
N GLN A 168 -12.23 -0.07 18.84
CA GLN A 168 -12.46 -1.09 19.86
C GLN A 168 -11.83 -2.46 19.56
N ASP A 169 -10.68 -2.42 18.86
CA ASP A 169 -9.95 -3.64 18.50
C ASP A 169 -8.94 -4.01 19.59
N ASP A 170 -8.71 -5.31 19.76
CA ASP A 170 -7.73 -5.82 20.71
C ASP A 170 -6.47 -5.77 19.83
N PRO A 171 -5.47 -4.96 20.21
CA PRO A 171 -4.22 -4.83 19.44
C PRO A 171 -3.50 -6.12 19.04
N LEU A 172 -3.72 -7.20 19.79
CA LEU A 172 -3.07 -8.47 19.51
C LEU A 172 -3.79 -9.37 18.50
N ASN A 173 -5.08 -9.14 18.30
CA ASN A 173 -5.85 -9.96 17.36
C ASN A 173 -5.65 -9.58 15.89
N LEU A 174 -5.08 -8.40 15.64
CA LEU A 174 -4.88 -7.92 14.28
C LEU A 174 -3.61 -8.45 13.61
N LYS A 175 -3.74 -8.97 12.40
CA LYS A 175 -2.61 -9.52 11.64
C LYS A 175 -2.43 -8.86 10.26
N GLY A 176 -1.22 -8.92 9.74
CA GLY A 176 -0.93 -8.30 8.45
C GLY A 176 0.47 -8.61 7.98
N SER A 177 1.06 -7.69 7.23
CA SER A 177 2.40 -7.88 6.67
C SER A 177 3.55 -7.74 7.67
N PHE A 178 4.76 -7.95 7.17
CA PHE A 178 5.98 -7.85 7.97
C PHE A 178 6.33 -6.40 8.29
N ALA A 179 5.62 -5.47 7.67
CA ALA A 179 5.85 -4.05 7.90
C ALA A 179 4.65 -3.44 8.61
N GLY A 180 3.67 -4.29 8.92
CA GLY A 180 2.47 -3.84 9.61
C GLY A 180 1.36 -3.30 8.75
N ALA A 181 1.27 -3.73 7.50
CA ALA A 181 0.23 -3.28 6.57
C ALA A 181 -1.03 -4.12 6.83
N MET A 182 -2.20 -3.50 6.73
CA MET A 182 -3.45 -4.17 7.07
C MET A 182 -4.61 -4.24 6.06
N GLY A 183 -5.35 -5.34 6.13
CA GLY A 183 -6.52 -5.55 5.30
C GLY A 183 -6.37 -5.78 3.80
N TYR A 184 -7.52 -5.68 3.10
CA TYR A 184 -7.62 -5.87 1.65
C TYR A 184 -6.66 -5.00 0.87
N GLY A 185 -6.54 -3.74 1.29
CA GLY A 185 -5.66 -2.80 0.60
C GLY A 185 -4.28 -2.66 1.23
N GLN A 186 -4.00 -3.43 2.28
CA GLN A 186 -2.70 -3.38 2.96
C GLN A 186 -2.29 -1.96 3.35
N PHE A 187 -3.19 -1.25 4.03
CA PHE A 187 -2.94 0.11 4.49
C PHE A 187 -2.01 0.15 5.71
N MET A 188 -1.06 1.08 5.74
CA MET A 188 -0.19 1.22 6.90
C MET A 188 -1.03 2.00 7.92
N PRO A 189 -0.69 1.88 9.21
CA PRO A 189 -1.45 2.59 10.26
C PRO A 189 -1.67 4.09 9.95
N SER A 190 -0.67 4.75 9.38
CA SER A 190 -0.79 6.18 9.06
C SER A 190 -1.68 6.44 7.84
N SER A 191 -1.85 5.42 6.99
CA SER A 191 -2.72 5.55 5.82
C SER A 191 -4.16 5.38 6.29
N TYR A 192 -4.35 4.59 7.34
CA TYR A 192 -5.67 4.37 7.92
C TYR A 192 -6.13 5.71 8.52
N LYS A 193 -5.23 6.32 9.28
CA LYS A 193 -5.50 7.59 9.96
C LYS A 193 -5.84 8.71 8.98
N GLN A 194 -4.98 8.91 8.00
CA GLN A 194 -5.15 9.97 7.04
C GLN A 194 -6.09 9.68 5.87
N TYR A 195 -6.17 8.42 5.43
CA TYR A 195 -6.97 8.12 4.24
C TYR A 195 -8.15 7.15 4.30
N ALA A 196 -8.21 6.29 5.31
CA ALA A 196 -9.30 5.33 5.37
C ALA A 196 -10.64 6.00 5.69
N VAL A 197 -11.71 5.52 5.05
CA VAL A 197 -13.05 6.06 5.26
C VAL A 197 -14.07 4.95 5.51
N ASP A 198 -15.18 5.33 6.14
CA ASP A 198 -16.27 4.41 6.42
C ASP A 198 -17.16 4.44 5.17
N PHE A 199 -16.79 3.63 4.18
CA PHE A 199 -17.56 3.60 2.93
C PHE A 199 -18.77 2.70 3.01
N SER A 200 -18.78 1.78 3.98
CA SER A 200 -19.91 0.86 4.16
C SER A 200 -21.05 1.53 4.92
N GLY A 201 -20.75 2.67 5.54
CA GLY A 201 -21.74 3.43 6.27
C GLY A 201 -22.19 2.92 7.62
N ASP A 202 -21.48 1.94 8.18
CA ASP A 202 -21.85 1.40 9.50
C ASP A 202 -21.29 2.23 10.66
N GLY A 203 -20.64 3.34 10.34
CA GLY A 203 -20.06 4.17 11.38
C GLY A 203 -18.66 3.80 11.80
N HIS A 204 -18.17 2.67 11.29
CA HIS A 204 -16.83 2.19 11.62
C HIS A 204 -15.94 2.09 10.37
N ILE A 205 -14.64 2.14 10.58
CA ILE A 205 -13.68 2.05 9.47
C ILE A 205 -12.87 0.77 9.64
N ASN A 206 -13.30 -0.27 8.95
CA ASN A 206 -12.65 -1.57 8.98
C ASN A 206 -11.82 -1.77 7.71
N LEU A 207 -10.51 -1.93 7.87
CA LEU A 207 -9.61 -2.16 6.74
C LEU A 207 -9.79 -3.57 6.19
N TRP A 208 -10.43 -4.43 6.99
CA TRP A 208 -10.71 -5.80 6.60
C TRP A 208 -12.13 -6.00 6.07
N ASP A 209 -12.81 -4.89 5.83
CA ASP A 209 -14.16 -4.91 5.26
C ASP A 209 -13.93 -4.52 3.82
N PRO A 210 -14.39 -5.35 2.87
CA PRO A 210 -14.23 -5.08 1.43
C PRO A 210 -14.75 -3.71 0.95
N VAL A 211 -15.92 -3.30 1.43
CA VAL A 211 -16.51 -2.02 1.02
C VAL A 211 -15.74 -0.82 1.55
N ASP A 212 -15.25 -0.92 2.79
CA ASP A 212 -14.46 0.15 3.40
C ASP A 212 -13.11 0.24 2.73
N ALA A 213 -12.55 -0.92 2.40
CA ALA A 213 -11.27 -1.02 1.74
C ALA A 213 -11.34 -0.32 0.39
N ILE A 214 -12.45 -0.54 -0.33
CA ILE A 214 -12.65 0.07 -1.63
C ILE A 214 -12.66 1.61 -1.52
N GLY A 215 -13.49 2.14 -0.62
CA GLY A 215 -13.56 3.59 -0.46
C GLY A 215 -12.25 4.20 0.00
N SER A 216 -11.57 3.51 0.91
CA SER A 216 -10.30 3.99 1.43
C SER A 216 -9.21 4.04 0.36
N VAL A 217 -9.20 3.07 -0.54
CA VAL A 217 -8.22 3.01 -1.63
C VAL A 217 -8.59 4.11 -2.64
N ALA A 218 -9.88 4.44 -2.72
CA ALA A 218 -10.35 5.46 -3.63
C ALA A 218 -10.03 6.86 -3.10
N ASN A 219 -10.20 7.06 -1.80
CA ASN A 219 -9.91 8.33 -1.14
C ASN A 219 -8.40 8.57 -1.11
N TYR A 220 -7.64 7.49 -1.01
CA TYR A 220 -6.19 7.57 -1.00
C TYR A 220 -5.75 8.12 -2.35
N PHE A 221 -6.25 7.51 -3.42
CA PHE A 221 -5.91 7.96 -4.76
C PHE A 221 -6.25 9.43 -5.02
N LYS A 222 -7.48 9.81 -4.73
CA LYS A 222 -7.90 11.18 -4.93
C LYS A 222 -7.01 12.14 -4.13
N ALA A 223 -6.71 11.75 -2.89
CA ALA A 223 -5.87 12.54 -2.00
C ALA A 223 -4.50 12.74 -2.58
N HIS A 224 -4.02 11.75 -3.33
CA HIS A 224 -2.71 11.81 -3.94
C HIS A 224 -2.74 12.37 -5.37
N GLY A 225 -3.85 13.02 -5.71
CA GLY A 225 -3.96 13.65 -7.01
C GLY A 225 -4.48 12.93 -8.22
N TRP A 226 -5.15 11.80 -8.04
CA TRP A 226 -5.68 11.06 -9.19
C TRP A 226 -6.64 11.94 -9.98
N VAL A 227 -6.33 12.14 -11.26
CA VAL A 227 -7.17 12.96 -12.15
C VAL A 227 -8.16 12.07 -12.92
N LYS A 228 -9.43 12.22 -12.58
CA LYS A 228 -10.52 11.46 -13.18
C LYS A 228 -10.49 11.47 -14.72
N GLY A 229 -10.60 10.28 -15.31
CA GLY A 229 -10.60 10.18 -16.75
C GLY A 229 -9.29 10.44 -17.47
N ASP A 230 -8.31 11.01 -16.77
CA ASP A 230 -6.99 11.29 -17.36
C ASP A 230 -6.28 9.97 -17.71
N GLN A 231 -5.42 9.99 -18.71
CA GLN A 231 -4.68 8.79 -19.11
C GLN A 231 -3.64 8.45 -18.05
N VAL A 232 -3.41 7.16 -17.84
CA VAL A 232 -2.43 6.69 -16.85
C VAL A 232 -1.04 6.70 -17.48
N ALA A 233 -0.91 6.08 -18.65
CA ALA A 233 0.33 6.00 -19.40
C ALA A 233 0.00 5.66 -20.85
N VAL A 234 0.95 5.91 -21.74
CA VAL A 234 0.77 5.66 -23.17
C VAL A 234 2.08 5.09 -23.68
N MET A 235 2.01 3.92 -24.31
CA MET A 235 3.20 3.27 -24.85
C MET A 235 3.77 4.09 -25.99
N ALA A 236 5.09 4.05 -26.11
CA ALA A 236 5.79 4.80 -27.14
C ALA A 236 6.31 3.93 -28.27
N ASN A 237 6.43 4.56 -29.44
CA ASN A 237 7.00 3.91 -30.62
C ASN A 237 8.45 4.43 -30.55
N GLY A 238 9.41 3.58 -30.88
CA GLY A 238 10.80 4.01 -30.85
C GLY A 238 11.54 3.62 -29.59
N GLN A 239 12.84 3.95 -29.57
CA GLN A 239 13.72 3.63 -28.44
C GLN A 239 14.45 4.88 -27.95
N ALA A 240 14.77 4.89 -26.65
CA ALA A 240 15.47 6.01 -26.03
C ALA A 240 16.43 5.48 -24.96
N PRO A 241 17.53 4.84 -25.39
CA PRO A 241 18.53 4.27 -24.49
C PRO A 241 19.47 5.30 -23.83
N GLY A 242 19.55 6.49 -24.41
CA GLY A 242 20.42 7.51 -23.85
C GLY A 242 19.91 8.21 -22.60
N LEU A 243 18.60 8.25 -22.46
CA LEU A 243 17.96 8.93 -21.33
C LEU A 243 17.69 8.01 -20.14
N PRO A 244 17.96 8.49 -18.92
CA PRO A 244 17.73 7.72 -17.69
C PRO A 244 16.21 7.43 -17.57
N ASN A 245 15.84 6.40 -16.82
CA ASN A 245 14.41 6.10 -16.72
C ASN A 245 13.88 5.60 -15.36
N GLY A 246 12.55 5.58 -15.24
CA GLY A 246 11.88 5.17 -14.03
C GLY A 246 10.78 6.17 -13.75
N PHE A 247 9.88 5.87 -12.81
CA PHE A 247 8.78 6.80 -12.51
C PHE A 247 9.22 8.17 -11.97
N LYS A 248 10.44 8.26 -11.42
CA LYS A 248 10.93 9.54 -10.87
C LYS A 248 11.55 10.49 -11.89
N THR A 249 11.76 10.01 -13.11
CA THR A 249 12.34 10.84 -14.15
C THR A 249 11.31 11.83 -14.66
N LYS A 250 11.78 12.88 -15.34
CA LYS A 250 10.91 13.94 -15.84
C LYS A 250 11.51 14.62 -17.08
N TYR A 251 10.90 14.37 -18.25
CA TYR A 251 11.34 14.96 -19.52
C TYR A 251 10.12 15.58 -20.20
N SER A 252 10.34 16.54 -21.09
CA SER A 252 9.23 17.17 -21.81
C SER A 252 8.94 16.32 -23.05
N ILE A 253 7.74 16.47 -23.61
CA ILE A 253 7.35 15.71 -24.79
C ILE A 253 8.31 16.01 -25.96
N SER A 254 8.79 17.25 -26.01
CA SER A 254 9.72 17.67 -27.05
C SER A 254 11.05 16.92 -26.93
N GLN A 255 11.53 16.77 -25.69
CA GLN A 255 12.77 16.05 -25.40
C GLN A 255 12.65 14.58 -25.76
N LEU A 256 11.53 13.95 -25.35
CA LEU A 256 11.29 12.55 -25.62
C LEU A 256 11.25 12.31 -27.12
N ALA A 257 10.56 13.20 -27.83
CA ALA A 257 10.45 13.12 -29.28
C ALA A 257 11.85 13.17 -29.90
N ALA A 258 12.72 13.98 -29.31
CA ALA A 258 14.10 14.12 -29.81
C ALA A 258 14.95 12.88 -29.55
N ALA A 259 14.53 12.05 -28.60
CA ALA A 259 15.24 10.81 -28.29
C ALA A 259 14.78 9.69 -29.21
N GLY A 260 13.82 10.02 -30.08
CA GLY A 260 13.29 9.06 -31.04
C GLY A 260 12.00 8.40 -30.64
N LEU A 261 11.23 9.06 -29.77
CA LEU A 261 9.97 8.51 -29.31
C LEU A 261 8.77 9.25 -29.87
N THR A 262 7.62 8.56 -29.87
CA THR A 262 6.34 9.11 -30.31
C THR A 262 5.25 8.37 -29.55
N PRO A 263 4.16 9.08 -29.20
CA PRO A 263 3.05 8.48 -28.46
C PRO A 263 2.11 7.65 -29.34
N GLN A 264 1.87 6.40 -28.95
CA GLN A 264 0.97 5.52 -29.70
C GLN A 264 -0.47 5.99 -29.63
N GLN A 265 -0.74 6.90 -28.69
CA GLN A 265 -2.06 7.50 -28.47
C GLN A 265 -1.84 8.99 -28.18
N PRO A 266 -2.83 9.84 -28.49
CA PRO A 266 -2.68 11.28 -28.23
C PRO A 266 -2.47 11.55 -26.72
N LEU A 267 -1.48 12.39 -26.41
CA LEU A 267 -1.14 12.71 -25.02
C LEU A 267 -1.94 13.86 -24.40
N GLY A 268 -2.97 14.32 -25.07
CA GLY A 268 -3.79 15.41 -24.55
C GLY A 268 -3.03 16.72 -24.45
N ASN A 269 -3.11 17.37 -23.29
CA ASN A 269 -2.43 18.64 -23.08
C ASN A 269 -1.09 18.47 -22.36
N HIS A 270 -0.79 17.24 -21.95
CA HIS A 270 0.46 16.91 -21.24
C HIS A 270 1.68 17.35 -22.02
N GLN A 271 2.56 18.08 -21.35
CA GLN A 271 3.77 18.56 -21.98
C GLN A 271 4.99 17.86 -21.42
N GLN A 272 4.79 17.06 -20.40
CA GLN A 272 5.88 16.30 -19.81
C GLN A 272 5.39 14.94 -19.36
N ALA A 273 6.34 14.03 -19.22
CA ALA A 273 6.06 12.67 -18.79
C ALA A 273 7.36 12.07 -18.28
N SER A 274 7.23 10.99 -17.52
CA SER A 274 8.40 10.28 -17.03
C SER A 274 8.75 9.26 -18.10
N LEU A 275 9.98 8.76 -18.09
CA LEU A 275 10.36 7.77 -19.08
C LEU A 275 10.40 6.40 -18.41
N LEU A 276 9.39 5.58 -18.69
CA LEU A 276 9.32 4.25 -18.13
C LEU A 276 9.88 3.27 -19.16
N ARG A 277 10.60 2.25 -18.68
CA ARG A 277 11.17 1.25 -19.57
C ARG A 277 10.93 -0.17 -19.00
N LEU A 278 10.17 -0.97 -19.75
CA LEU A 278 9.87 -2.34 -19.33
C LEU A 278 10.69 -3.37 -20.12
N ASP A 279 11.37 -4.23 -19.38
CA ASP A 279 12.21 -5.27 -19.95
C ASP A 279 11.33 -6.43 -20.43
N VAL A 280 11.01 -6.42 -21.72
CA VAL A 280 10.16 -7.45 -22.29
C VAL A 280 10.90 -8.65 -22.91
N GLY A 281 12.08 -8.96 -22.38
CA GLY A 281 12.85 -10.09 -22.88
C GLY A 281 13.55 -9.89 -24.21
N THR A 282 12.75 -9.81 -25.28
CA THR A 282 13.28 -9.61 -26.63
C THR A 282 13.86 -8.20 -26.77
N GLY A 283 13.31 -7.25 -26.01
CA GLY A 283 13.78 -5.88 -26.06
C GLY A 283 13.26 -5.04 -24.90
N TYR A 284 13.32 -3.72 -25.08
CA TYR A 284 12.84 -2.79 -24.07
C TYR A 284 11.63 -2.08 -24.62
N GLN A 285 10.64 -1.88 -23.76
CA GLN A 285 9.40 -1.22 -24.13
C GLN A 285 9.30 0.11 -23.40
N TYR A 286 9.22 1.19 -24.16
CA TYR A 286 9.15 2.52 -23.57
C TYR A 286 7.72 3.06 -23.46
N TRP A 287 7.45 3.76 -22.35
CA TRP A 287 6.14 4.34 -22.09
C TRP A 287 6.24 5.79 -21.65
N TYR A 288 5.22 6.57 -22.00
CA TYR A 288 5.11 7.94 -21.58
C TYR A 288 4.36 7.85 -20.25
N GLY A 289 5.08 8.04 -19.15
CA GLY A 289 4.46 7.97 -17.83
C GLY A 289 3.73 9.27 -17.53
N LEU A 290 2.42 9.18 -17.36
CA LEU A 290 1.64 10.38 -17.08
C LEU A 290 1.38 10.53 -15.59
N PRO A 291 0.90 11.72 -15.15
CA PRO A 291 0.63 11.95 -13.73
C PRO A 291 -0.14 10.87 -12.96
N ASN A 292 -1.13 10.25 -13.60
CA ASN A 292 -1.93 9.21 -12.97
C ASN A 292 -1.13 7.96 -12.66
N PHE A 293 -0.07 7.74 -13.43
CA PHE A 293 0.80 6.60 -13.21
C PHE A 293 1.55 6.82 -11.90
N TYR A 294 2.05 8.04 -11.72
CA TYR A 294 2.80 8.41 -10.53
C TYR A 294 1.91 8.27 -9.28
N THR A 295 0.65 8.68 -9.41
CA THR A 295 -0.30 8.58 -8.30
C THR A 295 -0.39 7.13 -7.84
N ILE A 296 -0.33 6.18 -8.79
CA ILE A 296 -0.37 4.76 -8.43
C ILE A 296 0.85 4.40 -7.59
N THR A 297 2.01 4.95 -7.96
CA THR A 297 3.25 4.68 -7.23
C THR A 297 3.30 5.31 -5.85
N ARG A 298 2.35 6.18 -5.51
CA ARG A 298 2.32 6.81 -4.19
C ARG A 298 1.82 5.81 -3.16
N TYR A 299 1.21 4.73 -3.67
CA TYR A 299 0.65 3.64 -2.89
C TYR A 299 1.73 2.61 -2.59
N ASN A 300 2.63 2.44 -3.56
CA ASN A 300 3.75 1.52 -3.46
C ASN A 300 4.74 2.06 -4.49
N HIS A 301 5.83 2.64 -3.98
CA HIS A 301 6.86 3.26 -4.81
C HIS A 301 7.59 2.27 -5.71
N SER A 302 7.00 1.99 -6.86
CA SER A 302 7.58 1.03 -7.80
C SER A 302 6.93 1.13 -9.17
N THR A 303 7.78 1.16 -10.20
CA THR A 303 7.32 1.24 -11.58
C THR A 303 6.59 -0.05 -11.94
N HIS A 304 7.19 -1.16 -11.54
CA HIS A 304 6.64 -2.48 -11.78
C HIS A 304 5.30 -2.68 -11.08
N TYR A 305 5.24 -2.24 -9.83
CA TYR A 305 4.02 -2.33 -9.03
C TYR A 305 2.88 -1.60 -9.76
N ALA A 306 3.11 -0.33 -10.05
CA ALA A 306 2.12 0.51 -10.71
C ALA A 306 1.63 -0.02 -12.05
N MET A 307 2.54 -0.59 -12.85
CA MET A 307 2.17 -1.14 -14.15
C MET A 307 1.40 -2.45 -13.95
N ALA A 308 1.76 -3.20 -12.92
CA ALA A 308 1.10 -4.46 -12.61
C ALA A 308 -0.33 -4.21 -12.10
N VAL A 309 -0.51 -3.15 -11.33
CA VAL A 309 -1.81 -2.77 -10.78
C VAL A 309 -2.74 -2.35 -11.92
N TRP A 310 -2.22 -1.49 -12.80
CA TRP A 310 -2.99 -1.00 -13.92
C TRP A 310 -3.36 -2.12 -14.88
N GLN A 311 -2.37 -2.83 -15.38
CA GLN A 311 -2.62 -3.91 -16.33
C GLN A 311 -3.50 -5.03 -15.79
N LEU A 312 -3.42 -5.30 -14.49
CA LEU A 312 -4.25 -6.35 -13.87
C LEU A 312 -5.70 -5.89 -13.89
N GLY A 313 -5.90 -4.61 -13.63
CA GLY A 313 -7.24 -4.06 -13.64
C GLY A 313 -7.81 -4.11 -15.05
N GLN A 314 -6.96 -3.82 -16.03
CA GLN A 314 -7.37 -3.84 -17.45
C GLN A 314 -7.75 -5.26 -17.90
N ALA A 315 -6.96 -6.24 -17.48
CA ALA A 315 -7.22 -7.64 -17.82
C ALA A 315 -8.59 -8.07 -17.28
N VAL A 316 -8.89 -7.69 -16.04
CA VAL A 316 -10.17 -8.03 -15.40
C VAL A 316 -11.32 -7.27 -16.06
N ALA A 317 -11.05 -6.07 -16.53
CA ALA A 317 -12.07 -5.26 -17.20
C ALA A 317 -12.54 -5.95 -18.47
N LEU A 318 -11.60 -6.58 -19.18
CA LEU A 318 -11.88 -7.29 -20.42
C LEU A 318 -12.56 -8.63 -20.19
N ALA A 319 -12.18 -9.33 -19.13
CA ALA A 319 -12.77 -10.64 -18.81
C ALA A 319 -14.25 -10.52 -18.41
N ARG A 320 -14.66 -9.31 -18.02
CA ARG A 320 -16.06 -9.03 -17.65
C ARG A 320 -16.86 -8.74 -18.91
N VAL A 321 -16.22 -8.03 -19.84
CA VAL A 321 -16.82 -7.67 -21.12
C VAL A 321 -17.31 -8.95 -21.80
N GLN A 322 -16.42 -9.93 -21.89
CA GLN A 322 -16.74 -11.21 -22.52
C GLN A 322 -17.78 -11.92 -21.67
#